data_8ELH
#
_entry.id   8ELH
#
_cell.length_a   50.812
_cell.length_b   81.241
_cell.length_c   110.069
_cell.angle_alpha   90.000
_cell.angle_beta   90.000
_cell.angle_gamma   90.000
#
_symmetry.space_group_name_H-M   'P 21 21 21'
#
loop_
_entity.id
_entity.type
_entity.pdbx_description
1 polymer 'heavy chain HLA-B*15:01'
2 polymer Beta-2-microglobulin
3 polymer "Spike protein S2'"
4 non-polymer 'ACETATE ION'
5 non-polymer DI(HYDROXYETHYL)ETHER
6 water water
#
loop_
_entity_poly.entity_id
_entity_poly.type
_entity_poly.pdbx_seq_one_letter_code
_entity_poly.pdbx_strand_id
1 'polypeptide(L)'
;GSHSMRYFYTAMSRPGRGEPRFIAVGYVDDTQFVRFDSDAASPRMAPRAPWIEQEGPEYWDRETQISKTNTQTYRESLRN
LRGYYNQSEAGSHTLQRMYGCDVGPDGRLLRGHDQSAYDGKDYIALNEDLSSWTAADTAAQITQRKWEAAREAEQWRAYL
EGLCVEWLRRYLENGKETLQRADPPKTHVTHHPISDHEATLRCWALGFYPAEITLTWQRDGEDQTQDTELVETRPAGDRT
FQKWAAVVVPSGEEQRYTCHVQHEGLPKPLTLRWEPSS
;
A
2 'polypeptide(L)'
;IQRTPKIQVYSRHPAENGKSNFLNCYVSGFHPSDIEVDLLKNGERIEKVEHSDLSFSKDWSFYLLYYTEFTPTEKDEYAC
RVNHVTLSQPKIVKWDRDM
;
B
3 'polypeptide(L)' NQKLIANQF C
#
loop_
_chem_comp.id
_chem_comp.type
_chem_comp.name
_chem_comp.formula
ACT non-polymer 'ACETATE ION' 'C2 H3 O2 -1'
PEG non-polymer DI(HYDROXYETHYL)ETHER 'C4 H10 O3'
#
# COMPACT_ATOMS: atom_id res chain seq x y z
N GLY A 1 12.96 3.08 -16.45
CA GLY A 1 12.93 1.64 -16.25
C GLY A 1 11.57 1.02 -16.52
N SER A 2 11.21 0.06 -15.67
CA SER A 2 9.94 -0.65 -15.82
C SER A 2 8.87 0.05 -15.00
N HIS A 3 7.61 -0.13 -15.42
CA HIS A 3 6.49 0.55 -14.79
C HIS A 3 5.32 -0.41 -14.66
N SER A 4 4.44 -0.11 -13.72
CA SER A 4 3.26 -0.94 -13.50
C SER A 4 2.07 -0.03 -13.32
N MET A 5 0.91 -0.52 -13.70
CA MET A 5 -0.32 0.12 -13.21
C MET A 5 -1.16 -0.95 -12.55
N ARG A 6 -1.85 -0.59 -11.47
CA ARG A 6 -2.61 -1.54 -10.69
C ARG A 6 -3.88 -0.87 -10.20
N TYR A 7 -4.97 -1.64 -10.20
CA TYR A 7 -6.17 -1.25 -9.48
C TYR A 7 -6.34 -2.20 -8.31
N PHE A 8 -6.73 -1.65 -7.16
CA PHE A 8 -6.94 -2.40 -5.93
C PHE A 8 -8.39 -2.17 -5.51
N TYR A 9 -9.16 -3.24 -5.49
CA TYR A 9 -10.57 -3.23 -5.07
C TYR A 9 -10.72 -3.89 -3.72
N THR A 10 -11.51 -3.29 -2.84
CA THR A 10 -11.88 -3.90 -1.57
C THR A 10 -13.38 -3.78 -1.42
N ALA A 11 -14.04 -4.91 -1.18
CA ALA A 11 -15.49 -4.92 -0.85
C ALA A 11 -15.70 -5.62 0.50
N MET A 12 -16.38 -4.93 1.44
CA MET A 12 -16.56 -5.32 2.79
C MET A 12 -18.00 -5.44 3.12
N SER A 13 -18.45 -6.61 3.50
CA SER A 13 -19.84 -6.66 3.92
C SER A 13 -19.97 -6.21 5.37
N ARG A 14 -21.19 -5.83 5.78
CA ARG A 14 -21.39 -5.29 7.13
C ARG A 14 -22.85 -5.48 7.53
N PRO A 15 -23.26 -6.72 7.84
CA PRO A 15 -24.69 -7.01 8.02
C PRO A 15 -25.27 -6.18 9.15
N GLY A 16 -26.48 -5.66 8.92
CA GLY A 16 -27.09 -4.73 9.85
C GLY A 16 -26.62 -3.29 9.70
N ARG A 17 -25.63 -3.02 8.85
CA ARG A 17 -25.12 -1.67 8.68
C ARG A 17 -25.10 -1.26 7.22
N GLY A 18 -26.10 -1.71 6.46
CA GLY A 18 -26.24 -1.32 5.07
C GLY A 18 -25.63 -2.33 4.12
N GLU A 19 -25.52 -1.92 2.87
CA GLU A 19 -24.93 -2.79 1.84
C GLU A 19 -23.40 -2.76 1.89
N PRO A 20 -22.74 -3.76 1.30
CA PRO A 20 -21.28 -3.80 1.33
C PRO A 20 -20.64 -2.56 0.72
N ARG A 21 -19.66 -2.03 1.43
CA ARG A 21 -18.84 -0.93 0.95
C ARG A 21 -17.87 -1.40 -0.14
N PHE A 22 -17.72 -0.61 -1.20
CA PHE A 22 -16.76 -0.88 -2.27
C PHE A 22 -15.79 0.30 -2.38
N ILE A 23 -14.49 0.02 -2.33
CA ILE A 23 -13.46 1.02 -2.51
C ILE A 23 -12.54 0.57 -3.63
N ALA A 24 -12.13 1.51 -4.48
CA ALA A 24 -11.17 1.19 -5.53
C ALA A 24 -10.14 2.30 -5.58
N VAL A 25 -8.86 1.93 -5.71
CA VAL A 25 -7.80 2.91 -5.89
C VAL A 25 -6.95 2.43 -7.06
N GLY A 26 -6.43 3.37 -7.82
CA GLY A 26 -5.56 3.07 -8.94
C GLY A 26 -4.18 3.64 -8.67
N TYR A 27 -3.15 2.90 -9.04
CA TYR A 27 -1.76 3.32 -8.85
C TYR A 27 -1.02 3.20 -10.16
N VAL A 28 -0.11 4.15 -10.42
CA VAL A 28 0.99 3.89 -11.36
C VAL A 28 2.24 3.83 -10.51
N ASP A 29 2.93 2.69 -10.51
CA ASP A 29 4.11 2.48 -9.67
C ASP A 29 3.67 2.73 -8.23
N ASP A 30 4.33 3.63 -7.49
CA ASP A 30 3.96 3.91 -6.11
C ASP A 30 3.15 5.20 -5.98
N THR A 31 2.51 5.66 -7.05
CA THR A 31 1.77 6.93 -7.07
C THR A 31 0.30 6.62 -7.24
N GLN A 32 -0.50 6.91 -6.21
CA GLN A 32 -1.93 6.75 -6.38
C GLN A 32 -2.45 7.84 -7.32
N PHE A 33 -3.38 7.50 -8.21
CA PHE A 33 -3.90 8.55 -9.10
C PHE A 33 -5.42 8.64 -9.18
N VAL A 34 -6.20 7.63 -8.77
CA VAL A 34 -7.66 7.76 -8.67
C VAL A 34 -8.16 7.02 -7.43
N ARG A 35 -9.36 7.41 -6.97
CA ARG A 35 -10.04 6.66 -5.93
C ARG A 35 -11.54 6.70 -6.17
N PHE A 36 -12.22 5.65 -5.74
CA PHE A 36 -13.68 5.57 -5.69
C PHE A 36 -14.08 5.02 -4.32
N ASP A 37 -15.14 5.55 -3.71
CA ASP A 37 -15.60 4.97 -2.46
C ASP A 37 -17.12 4.98 -2.52
N SER A 38 -17.76 3.82 -2.43
CA SER A 38 -19.22 3.81 -2.51
C SER A 38 -19.87 4.51 -1.33
N ASP A 39 -19.13 4.76 -0.26
CA ASP A 39 -19.69 5.42 0.91
C ASP A 39 -19.63 6.95 0.84
N ALA A 40 -18.95 7.51 -0.15
CA ALA A 40 -18.85 8.96 -0.26
C ALA A 40 -20.22 9.57 -0.57
N ALA A 41 -20.43 10.81 -0.14
CA ALA A 41 -21.75 11.43 -0.29
C ALA A 41 -22.20 11.40 -1.75
N SER A 42 -21.29 11.75 -2.66
N SER A 42 -21.29 11.75 -2.66
CA SER A 42 -21.54 11.66 -4.10
CA SER A 42 -21.52 11.67 -4.11
C SER A 42 -20.44 10.80 -4.70
C SER A 42 -20.43 10.80 -4.68
N PRO A 43 -20.63 9.48 -4.72
CA PRO A 43 -19.56 8.60 -5.11
C PRO A 43 -19.28 8.89 -6.56
N ARG A 44 -18.02 9.27 -6.82
CA ARG A 44 -17.53 9.23 -8.18
C ARG A 44 -16.03 9.07 -8.29
N MET A 45 -15.64 8.59 -9.42
CA MET A 45 -14.22 8.35 -9.51
C MET A 45 -13.55 9.71 -9.51
N ALA A 46 -12.58 9.84 -8.60
CA ALA A 46 -11.96 11.11 -8.30
C ALA A 46 -10.45 11.15 -8.52
N PRO A 47 -9.90 12.29 -8.96
CA PRO A 47 -8.44 12.36 -9.18
C PRO A 47 -7.67 12.44 -7.87
N ARG A 48 -6.48 11.83 -7.87
CA ARG A 48 -5.57 11.89 -6.74
C ARG A 48 -4.14 12.23 -7.15
N ALA A 49 -3.89 12.47 -8.44
CA ALA A 49 -2.63 12.98 -8.94
C ALA A 49 -2.89 14.11 -9.92
N PRO A 50 -2.04 15.15 -9.94
CA PRO A 50 -2.30 16.29 -10.85
C PRO A 50 -2.33 15.93 -12.32
N TRP A 51 -1.56 14.93 -12.75
CA TRP A 51 -1.48 14.61 -14.16
C TRP A 51 -2.70 13.89 -14.69
N ILE A 52 -3.58 13.37 -13.82
CA ILE A 52 -4.81 12.73 -14.31
C ILE A 52 -5.93 13.75 -14.50
N GLU A 53 -5.77 14.96 -13.96
CA GLU A 53 -6.82 15.97 -14.00
C GLU A 53 -7.10 16.48 -15.42
N GLN A 54 -6.15 16.36 -16.33
CA GLN A 54 -6.41 16.79 -17.70
C GLN A 54 -7.34 15.85 -18.45
N GLU A 55 -7.60 14.64 -17.96
CA GLU A 55 -8.56 13.77 -18.63
C GLU A 55 -9.92 14.47 -18.61
N GLY A 56 -10.66 14.34 -19.72
CA GLY A 56 -11.90 15.06 -19.88
C GLY A 56 -13.07 14.40 -19.17
N PRO A 57 -14.24 15.03 -19.29
CA PRO A 57 -15.42 14.47 -18.61
C PRO A 57 -15.82 13.09 -19.09
N GLU A 58 -15.58 12.76 -20.37
CA GLU A 58 -15.89 11.40 -20.83
C GLU A 58 -15.08 10.37 -20.06
N TYR A 59 -13.82 10.70 -19.75
CA TYR A 59 -13.01 9.81 -18.92
C TYR A 59 -13.67 9.57 -17.56
N TRP A 60 -14.00 10.66 -16.85
CA TRP A 60 -14.49 10.52 -15.48
C TRP A 60 -15.88 9.90 -15.44
N ASP A 61 -16.72 10.19 -16.44
CA ASP A 61 -18.02 9.53 -16.51
C ASP A 61 -17.85 8.03 -16.71
N ARG A 62 -16.93 7.62 -17.58
CA ARG A 62 -16.76 6.19 -17.83
C ARG A 62 -16.25 5.48 -16.57
N GLU A 63 -15.23 6.06 -15.92
CA GLU A 63 -14.65 5.42 -14.74
C GLU A 63 -15.67 5.37 -13.61
N THR A 64 -16.52 6.38 -13.49
CA THR A 64 -17.54 6.35 -12.45
C THR A 64 -18.57 5.27 -12.74
N GLN A 65 -18.99 5.15 -14.01
N GLN A 65 -19.00 5.17 -14.00
CA GLN A 65 -19.96 4.12 -14.33
CA GLN A 65 -19.93 4.13 -14.41
C GLN A 65 -19.40 2.72 -14.12
C GLN A 65 -19.38 2.74 -14.11
N ILE A 66 -18.11 2.51 -14.42
CA ILE A 66 -17.52 1.20 -14.17
C ILE A 66 -17.52 0.91 -12.67
N SER A 67 -17.14 1.90 -11.86
CA SER A 67 -17.07 1.68 -10.42
C SER A 67 -18.44 1.35 -9.85
N LYS A 68 -19.49 2.00 -10.36
CA LYS A 68 -20.84 1.72 -9.86
C LYS A 68 -21.29 0.33 -10.25
N THR A 69 -20.98 -0.10 -11.48
CA THR A 69 -21.29 -1.44 -11.90
C THR A 69 -20.48 -2.47 -11.10
N ASN A 70 -19.20 -2.17 -10.88
CA ASN A 70 -18.37 -3.05 -10.05
C ASN A 70 -18.88 -3.12 -8.62
N THR A 71 -19.35 -2.01 -8.06
CA THR A 71 -19.95 -2.05 -6.73
C THR A 71 -21.08 -3.08 -6.67
N GLN A 72 -21.97 -3.06 -7.67
N GLN A 72 -21.97 -3.05 -7.67
CA GLN A 72 -23.08 -4.02 -7.64
CA GLN A 72 -23.09 -4.00 -7.70
C GLN A 72 -22.60 -5.45 -7.88
C GLN A 72 -22.58 -5.43 -7.87
N THR A 73 -21.65 -5.64 -8.80
CA THR A 73 -21.11 -7.00 -9.03
C THR A 73 -20.45 -7.54 -7.78
N TYR A 74 -19.66 -6.71 -7.10
CA TYR A 74 -18.98 -7.16 -5.88
C TYR A 74 -19.96 -7.47 -4.76
N ARG A 75 -21.07 -6.73 -4.67
CA ARG A 75 -22.09 -7.06 -3.67
C ARG A 75 -22.70 -8.43 -3.96
N GLU A 76 -23.01 -8.72 -5.23
CA GLU A 76 -23.52 -10.03 -5.59
C GLU A 76 -22.48 -11.12 -5.33
N SER A 77 -21.21 -10.83 -5.63
CA SER A 77 -20.17 -11.81 -5.40
C SER A 77 -20.00 -12.11 -3.92
N LEU A 78 -20.12 -11.09 -3.05
CA LEU A 78 -20.02 -11.38 -1.62
C LEU A 78 -21.13 -12.30 -1.17
N ARG A 79 -22.36 -12.11 -1.68
CA ARG A 79 -23.46 -13.02 -1.37
C ARG A 79 -23.17 -14.43 -1.85
N ASN A 80 -22.64 -14.55 -3.07
CA ASN A 80 -22.29 -15.86 -3.60
C ASN A 80 -21.25 -16.54 -2.72
N LEU A 81 -20.17 -15.82 -2.38
CA LEU A 81 -19.07 -16.37 -1.60
C LEU A 81 -19.54 -16.85 -0.23
N ARG A 82 -20.40 -16.06 0.42
CA ARG A 82 -20.96 -16.50 1.69
C ARG A 82 -21.61 -17.86 1.53
N GLY A 83 -22.36 -18.05 0.44
CA GLY A 83 -23.00 -19.33 0.20
C GLY A 83 -22.01 -20.45 -0.06
N TYR A 84 -20.93 -20.15 -0.82
CA TYR A 84 -19.97 -21.22 -1.13
C TYR A 84 -19.25 -21.72 0.10
N TYR A 85 -19.13 -20.89 1.13
CA TYR A 85 -18.48 -21.33 2.35
C TYR A 85 -19.47 -21.64 3.47
N ASN A 86 -20.77 -21.71 3.17
CA ASN A 86 -21.79 -22.06 4.16
C ASN A 86 -21.71 -21.14 5.37
N GLN A 87 -21.46 -19.86 5.10
CA GLN A 87 -21.25 -18.91 6.19
C GLN A 87 -22.55 -18.24 6.62
N SER A 88 -22.60 -17.88 7.90
CA SER A 88 -23.75 -17.17 8.44
C SER A 88 -23.91 -15.81 7.76
N GLU A 89 -25.15 -15.38 7.64
CA GLU A 89 -25.37 -14.05 7.10
C GLU A 89 -25.25 -12.94 8.15
N ALA A 90 -24.74 -13.28 9.33
CA ALA A 90 -24.45 -12.31 10.37
C ALA A 90 -22.98 -11.86 10.39
N GLY A 91 -22.10 -12.53 9.67
CA GLY A 91 -20.70 -12.18 9.71
C GLY A 91 -20.31 -11.15 8.65
N SER A 92 -19.26 -10.41 8.96
N SER A 92 -19.21 -10.45 8.91
CA SER A 92 -18.61 -9.50 8.03
CA SER A 92 -18.67 -9.46 7.99
C SER A 92 -17.60 -10.29 7.21
C SER A 92 -17.47 -10.06 7.25
N HIS A 93 -17.48 -9.96 5.92
CA HIS A 93 -16.48 -10.62 5.07
C HIS A 93 -15.88 -9.61 4.10
N THR A 94 -14.70 -9.93 3.57
CA THR A 94 -13.95 -9.03 2.68
C THR A 94 -13.63 -9.77 1.38
N LEU A 95 -13.83 -9.10 0.25
CA LEU A 95 -13.37 -9.60 -1.04
C LEU A 95 -12.43 -8.55 -1.62
N GLN A 96 -11.23 -8.97 -2.02
CA GLN A 96 -10.23 -8.04 -2.54
C GLN A 96 -9.82 -8.49 -3.94
N ARG A 97 -9.54 -7.52 -4.79
CA ARG A 97 -9.02 -7.82 -6.12
C ARG A 97 -7.89 -6.86 -6.46
N MET A 98 -6.85 -7.35 -7.12
N MET A 98 -6.86 -7.39 -7.11
CA MET A 98 -5.84 -6.44 -7.66
CA MET A 98 -5.77 -6.59 -7.67
C MET A 98 -5.41 -6.95 -9.02
C MET A 98 -5.58 -7.02 -9.11
N TYR A 99 -5.43 -6.04 -10.00
CA TYR A 99 -5.15 -6.36 -11.40
C TYR A 99 -4.39 -5.22 -12.05
N GLY A 100 -3.76 -5.52 -13.17
CA GLY A 100 -3.03 -4.49 -13.89
C GLY A 100 -1.92 -5.11 -14.71
N CYS A 101 -1.03 -4.25 -15.19
CA CYS A 101 -0.02 -4.65 -16.14
C CYS A 101 1.31 -4.02 -15.78
N ASP A 102 2.38 -4.70 -16.19
CA ASP A 102 3.76 -4.26 -16.06
C ASP A 102 4.31 -4.06 -17.45
N VAL A 103 5.03 -2.96 -17.68
CA VAL A 103 5.67 -2.73 -18.97
C VAL A 103 7.15 -2.50 -18.74
N GLY A 104 7.95 -2.82 -19.76
CA GLY A 104 9.37 -2.56 -19.70
C GLY A 104 9.72 -1.17 -20.17
N PRO A 105 11.02 -0.84 -20.15
CA PRO A 105 11.47 0.50 -20.58
C PRO A 105 10.98 0.93 -21.96
N ASP A 106 10.68 -0.02 -22.83
CA ASP A 106 10.19 0.25 -24.16
C ASP A 106 8.68 0.26 -24.25
N GLY A 107 7.99 0.09 -23.13
CA GLY A 107 6.54 0.13 -23.13
C GLY A 107 5.86 -1.15 -23.51
N ARG A 108 6.60 -2.23 -23.77
CA ARG A 108 5.97 -3.50 -24.11
C ARG A 108 5.54 -4.24 -22.85
N LEU A 109 4.44 -4.96 -22.98
CA LEU A 109 3.92 -5.74 -21.86
C LEU A 109 4.95 -6.72 -21.35
N LEU A 110 5.25 -6.63 -20.06
CA LEU A 110 6.05 -7.64 -19.41
C LEU A 110 5.16 -8.79 -18.94
N ARG A 111 4.09 -8.46 -18.21
CA ARG A 111 3.10 -9.46 -17.81
C ARG A 111 1.86 -8.73 -17.28
N GLY A 112 0.74 -9.46 -17.23
CA GLY A 112 -0.47 -8.97 -16.60
C GLY A 112 -0.80 -9.74 -15.34
N HIS A 113 -1.73 -9.18 -14.57
CA HIS A 113 -2.06 -9.65 -13.24
C HIS A 113 -3.55 -9.52 -13.06
N ASP A 114 -4.17 -10.54 -12.45
CA ASP A 114 -5.52 -10.40 -11.91
C ASP A 114 -5.72 -11.43 -10.82
N GLN A 115 -5.76 -11.01 -9.56
CA GLN A 115 -5.94 -12.00 -8.51
C GLN A 115 -6.90 -11.49 -7.44
N SER A 116 -7.46 -12.44 -6.70
N SER A 116 -7.48 -12.43 -6.70
CA SER A 116 -8.54 -12.16 -5.76
CA SER A 116 -8.48 -12.08 -5.71
C SER A 116 -8.29 -12.91 -4.45
C SER A 116 -8.22 -12.86 -4.44
N ALA A 117 -8.77 -12.33 -3.35
CA ALA A 117 -8.66 -12.93 -2.03
C ALA A 117 -9.99 -12.74 -1.31
N TYR A 118 -10.38 -13.74 -0.51
CA TYR A 118 -11.60 -13.70 0.30
C TYR A 118 -11.22 -13.86 1.75
N ASP A 119 -11.65 -12.91 2.60
CA ASP A 119 -11.21 -12.83 4.00
C ASP A 119 -9.69 -12.96 4.14
N GLY A 120 -8.97 -12.28 3.26
CA GLY A 120 -7.51 -12.21 3.37
C GLY A 120 -6.74 -13.40 2.86
N LYS A 121 -7.43 -14.41 2.36
CA LYS A 121 -6.84 -15.62 1.79
C LYS A 121 -6.91 -15.61 0.29
N ASP A 122 -5.82 -15.98 -0.39
CA ASP A 122 -5.88 -16.12 -1.84
C ASP A 122 -7.03 -17.04 -2.25
N TYR A 123 -7.79 -16.61 -3.25
CA TYR A 123 -8.99 -17.31 -3.67
C TYR A 123 -8.88 -17.82 -5.10
N ILE A 124 -8.65 -16.93 -6.07
CA ILE A 124 -8.48 -17.30 -7.47
C ILE A 124 -7.57 -16.27 -8.12
N ALA A 125 -6.76 -16.74 -9.06
CA ALA A 125 -5.79 -15.88 -9.73
C ALA A 125 -5.73 -16.28 -11.19
N LEU A 126 -5.71 -15.27 -12.06
CA LEU A 126 -5.38 -15.50 -13.47
C LEU A 126 -3.91 -15.85 -13.59
N ASN A 127 -3.62 -16.96 -14.27
CA ASN A 127 -2.24 -17.37 -14.47
C ASN A 127 -1.52 -16.43 -15.44
N GLU A 128 -0.19 -16.49 -15.42
CA GLU A 128 0.61 -15.59 -16.27
C GLU A 128 0.29 -15.74 -17.75
N ASP A 129 -0.19 -16.91 -18.16
CA ASP A 129 -0.60 -17.10 -19.56
C ASP A 129 -1.83 -16.29 -19.94
N LEU A 130 -2.53 -15.68 -18.98
CA LEU A 130 -3.73 -14.91 -19.23
C LEU A 130 -4.83 -15.76 -19.91
N SER A 131 -4.83 -17.05 -19.66
N SER A 131 -4.83 -17.06 -19.64
CA SER A 131 -5.80 -17.94 -20.29
CA SER A 131 -5.77 -17.96 -20.29
C SER A 131 -6.39 -18.99 -19.35
C SER A 131 -6.36 -19.01 -19.36
N SER A 132 -5.83 -19.18 -18.16
CA SER A 132 -6.31 -20.18 -17.23
C SER A 132 -6.22 -19.60 -15.82
N TRP A 133 -6.88 -20.27 -14.87
N TRP A 133 -6.93 -20.21 -14.87
CA TRP A 133 -7.00 -19.83 -13.49
CA TRP A 133 -6.85 -19.75 -13.51
C TRP A 133 -6.44 -20.85 -12.52
C TRP A 133 -6.27 -20.83 -12.60
N THR A 134 -5.87 -20.36 -11.42
CA THR A 134 -5.51 -21.20 -10.29
C THR A 134 -6.50 -20.89 -9.17
N ALA A 135 -7.30 -21.89 -8.80
CA ALA A 135 -8.32 -21.80 -7.77
C ALA A 135 -7.80 -22.42 -6.47
N ALA A 136 -8.03 -21.72 -5.36
CA ALA A 136 -7.43 -22.15 -4.10
C ALA A 136 -8.14 -23.35 -3.47
N ASP A 137 -9.42 -23.54 -3.74
CA ASP A 137 -10.21 -24.53 -3.01
C ASP A 137 -11.45 -24.83 -3.83
N THR A 138 -12.34 -25.67 -3.27
CA THR A 138 -13.51 -26.11 -4.03
C THR A 138 -14.50 -24.99 -4.25
N ALA A 139 -14.53 -24.00 -3.37
CA ALA A 139 -15.37 -22.83 -3.63
C ALA A 139 -14.86 -22.05 -4.85
N ALA A 140 -13.56 -21.76 -4.88
CA ALA A 140 -13.01 -21.07 -6.04
C ALA A 140 -13.13 -21.89 -7.32
N GLN A 141 -13.24 -23.22 -7.21
CA GLN A 141 -13.50 -24.00 -8.42
C GLN A 141 -14.88 -23.73 -8.98
N ILE A 142 -15.87 -23.39 -8.13
CA ILE A 142 -17.18 -22.97 -8.64
C ILE A 142 -17.05 -21.68 -9.42
N THR A 143 -16.32 -20.71 -8.86
CA THR A 143 -16.07 -19.46 -9.58
C THR A 143 -15.33 -19.73 -10.89
N GLN A 144 -14.30 -20.57 -10.83
CA GLN A 144 -13.56 -20.89 -12.05
C GLN A 144 -14.49 -21.44 -13.13
N ARG A 145 -15.38 -22.38 -12.75
CA ARG A 145 -16.32 -22.93 -13.71
C ARG A 145 -17.20 -21.86 -14.32
N LYS A 146 -17.76 -20.97 -13.48
CA LYS A 146 -18.55 -19.85 -14.01
C LYS A 146 -17.75 -19.00 -14.99
N TRP A 147 -16.51 -18.68 -14.64
CA TRP A 147 -15.72 -17.80 -15.50
C TRP A 147 -15.26 -18.50 -16.77
N GLU A 148 -15.01 -19.81 -16.69
CA GLU A 148 -14.70 -20.57 -17.89
C GLU A 148 -15.86 -20.55 -18.89
N ALA A 149 -17.10 -20.55 -18.39
CA ALA A 149 -18.26 -20.52 -19.26
C ALA A 149 -18.61 -19.10 -19.72
N ALA A 150 -18.11 -18.08 -19.02
CA ALA A 150 -18.39 -16.70 -19.40
C ALA A 150 -17.25 -16.08 -20.18
N ARG A 151 -16.30 -16.89 -20.61
CA ARG A 151 -15.12 -16.43 -21.33
C ARG A 151 -14.45 -15.23 -20.64
N GLU A 152 -14.27 -15.34 -19.33
CA GLU A 152 -13.58 -14.30 -18.58
C GLU A 152 -12.10 -14.21 -18.94
N ALA A 153 -11.40 -15.33 -19.11
CA ALA A 153 -9.96 -15.23 -19.30
C ALA A 153 -9.65 -14.46 -20.57
N GLU A 154 -10.43 -14.71 -21.61
CA GLU A 154 -10.28 -14.03 -22.89
C GLU A 154 -10.48 -12.53 -22.76
N GLN A 155 -11.48 -12.12 -21.96
CA GLN A 155 -11.71 -10.68 -21.78
C GLN A 155 -10.57 -10.04 -21.00
N TRP A 156 -10.03 -10.74 -20.00
CA TRP A 156 -8.89 -10.18 -19.28
C TRP A 156 -7.67 -10.06 -20.17
N ARG A 157 -7.39 -11.07 -20.99
CA ARG A 157 -6.23 -10.96 -21.85
C ARG A 157 -6.37 -9.76 -22.79
N ALA A 158 -7.55 -9.57 -23.37
CA ALA A 158 -7.75 -8.45 -24.28
C ALA A 158 -7.53 -7.13 -23.57
N TYR A 159 -7.97 -7.04 -22.31
CA TYR A 159 -7.81 -5.79 -21.56
C TYR A 159 -6.35 -5.58 -21.18
N LEU A 160 -5.72 -6.60 -20.61
CA LEU A 160 -4.36 -6.47 -20.09
C LEU A 160 -3.35 -6.22 -21.19
N GLU A 161 -3.51 -6.86 -22.37
CA GLU A 161 -2.57 -6.62 -23.46
C GLU A 161 -2.90 -5.37 -24.27
N GLY A 162 -4.12 -4.87 -24.16
CA GLY A 162 -4.56 -3.73 -24.95
C GLY A 162 -4.74 -2.48 -24.14
N LEU A 163 -5.96 -2.24 -23.64
CA LEU A 163 -6.28 -1.01 -22.95
C LEU A 163 -5.32 -0.74 -21.78
N CYS A 164 -5.03 -1.76 -20.97
CA CYS A 164 -4.20 -1.53 -19.79
C CYS A 164 -2.86 -0.92 -20.17
N VAL A 165 -2.17 -1.51 -21.15
N VAL A 165 -2.14 -1.50 -21.13
CA VAL A 165 -0.85 -1.03 -21.51
CA VAL A 165 -0.82 -0.97 -21.45
C VAL A 165 -0.94 0.34 -22.17
C VAL A 165 -0.92 0.35 -22.18
N GLU A 166 -1.95 0.54 -23.00
CA GLU A 166 -2.07 1.80 -23.74
C GLU A 166 -2.33 2.96 -22.79
N TRP A 167 -3.15 2.73 -21.77
CA TRP A 167 -3.41 3.81 -20.83
C TRP A 167 -2.22 4.03 -19.93
N LEU A 168 -1.55 2.96 -19.50
CA LEU A 168 -0.34 3.14 -18.72
C LEU A 168 0.66 3.98 -19.50
N ARG A 169 0.87 3.66 -20.79
CA ARG A 169 1.78 4.48 -21.59
C ARG A 169 1.33 5.93 -21.60
N ARG A 170 0.03 6.17 -21.73
CA ARG A 170 -0.47 7.54 -21.74
C ARG A 170 -0.22 8.25 -20.42
N TYR A 171 -0.53 7.58 -19.29
CA TYR A 171 -0.27 8.17 -17.97
C TYR A 171 1.21 8.48 -17.80
N LEU A 172 2.08 7.57 -18.22
CA LEU A 172 3.52 7.77 -18.05
C LEU A 172 3.99 8.99 -18.81
N GLU A 173 3.44 9.24 -20.00
CA GLU A 173 3.82 10.44 -20.74
C GLU A 173 3.23 11.69 -20.08
N ASN A 174 1.97 11.62 -19.65
CA ASN A 174 1.36 12.80 -19.03
C ASN A 174 2.00 13.13 -17.69
N GLY A 175 2.41 12.12 -16.93
CA GLY A 175 3.06 12.38 -15.65
C GLY A 175 4.56 12.23 -15.68
N LYS A 176 5.18 12.41 -16.85
CA LYS A 176 6.57 12.00 -17.01
C LYS A 176 7.52 12.76 -16.08
N GLU A 177 7.20 14.02 -15.73
CA GLU A 177 8.11 14.74 -14.84
C GLU A 177 8.16 14.18 -13.43
N THR A 178 7.17 13.36 -13.02
CA THR A 178 7.15 12.75 -11.70
C THR A 178 7.20 11.23 -11.79
N LEU A 179 6.34 10.63 -12.61
CA LEU A 179 6.31 9.17 -12.69
C LEU A 179 7.64 8.61 -13.20
N GLN A 180 8.34 9.35 -14.04
CA GLN A 180 9.58 8.87 -14.64
C GLN A 180 10.80 9.53 -14.02
N ARG A 181 10.65 10.06 -12.82
CA ARG A 181 11.75 10.66 -12.07
C ARG A 181 11.98 9.83 -10.82
N ALA A 182 13.15 9.24 -10.71
CA ALA A 182 13.56 8.54 -9.49
C ALA A 182 14.26 9.55 -8.57
N ASP A 183 13.82 9.61 -7.31
CA ASP A 183 14.45 10.50 -6.33
C ASP A 183 15.31 9.67 -5.40
N PRO A 184 16.63 9.90 -5.35
CA PRO A 184 17.48 9.05 -4.54
C PRO A 184 17.28 9.31 -3.07
N PRO A 185 17.62 8.35 -2.22
CA PRO A 185 17.51 8.57 -0.78
C PRO A 185 18.58 9.53 -0.30
N LYS A 186 18.21 10.39 0.63
CA LYS A 186 19.18 11.10 1.44
C LYS A 186 19.55 10.18 2.59
N THR A 187 20.85 9.91 2.77
CA THR A 187 21.28 8.84 3.68
C THR A 187 22.22 9.37 4.76
N HIS A 188 22.16 8.75 5.93
CA HIS A 188 23.09 9.05 7.03
C HIS A 188 22.94 7.99 8.11
N VAL A 189 23.93 7.93 9.00
CA VAL A 189 23.99 6.95 10.07
C VAL A 189 23.93 7.70 11.39
N THR A 190 23.08 7.25 12.30
CA THR A 190 23.00 7.80 13.65
C THR A 190 23.44 6.74 14.65
N HIS A 191 23.81 7.20 15.83
CA HIS A 191 24.45 6.38 16.86
C HIS A 191 23.71 6.62 18.16
N HIS A 192 23.26 5.55 18.80
CA HIS A 192 22.39 5.62 19.97
C HIS A 192 22.94 4.68 21.05
N PRO A 193 23.73 5.20 21.99
CA PRO A 193 24.23 4.33 23.06
C PRO A 193 23.09 3.63 23.79
N ILE A 194 23.29 2.35 24.06
CA ILE A 194 22.34 1.56 24.83
C ILE A 194 22.82 1.39 26.26
N SER A 195 24.09 1.03 26.42
CA SER A 195 24.69 0.75 27.70
C SER A 195 26.17 1.07 27.58
N ASP A 196 26.93 0.75 28.62
CA ASP A 196 28.39 0.80 28.48
C ASP A 196 28.91 -0.18 27.42
N HIS A 197 28.12 -1.18 27.08
CA HIS A 197 28.60 -2.32 26.31
C HIS A 197 28.23 -2.24 24.84
N GLU A 198 27.14 -1.54 24.52
CA GLU A 198 26.52 -1.64 23.21
C GLU A 198 25.93 -0.30 22.80
N ALA A 199 25.83 -0.12 21.49
CA ALA A 199 25.14 1.04 20.91
C ALA A 199 24.42 0.58 19.66
N THR A 200 23.40 1.34 19.28
CA THR A 200 22.66 1.10 18.04
C THR A 200 23.24 2.01 16.96
N LEU A 201 23.59 1.43 15.83
CA LEU A 201 23.85 2.17 14.60
C LEU A 201 22.59 2.07 13.75
N ARG A 202 22.10 3.21 13.27
CA ARG A 202 20.86 3.21 12.50
C ARG A 202 21.14 3.92 11.19
N CYS A 203 20.89 3.23 10.10
CA CYS A 203 21.17 3.76 8.77
C CYS A 203 19.84 4.24 8.18
N TRP A 204 19.76 5.52 7.81
CA TRP A 204 18.54 6.15 7.35
C TRP A 204 18.56 6.39 5.85
N ALA A 205 17.41 6.18 5.19
CA ALA A 205 17.20 6.59 3.82
C ALA A 205 15.91 7.39 3.81
N LEU A 206 15.95 8.61 3.30
CA LEU A 206 14.85 9.55 3.40
C LEU A 206 14.63 10.20 2.06
N GLY A 207 13.36 10.47 1.77
CA GLY A 207 12.99 11.26 0.61
C GLY A 207 13.12 10.55 -0.72
N PHE A 208 13.07 9.21 -0.74
CA PHE A 208 13.28 8.51 -2.00
C PHE A 208 11.97 8.10 -2.66
N TYR A 209 12.06 7.88 -3.98
CA TYR A 209 10.94 7.45 -4.80
C TYR A 209 11.56 6.77 -6.02
N PRO A 210 11.08 5.59 -6.41
CA PRO A 210 9.98 4.82 -5.83
C PRO A 210 10.36 4.11 -4.54
N ALA A 211 9.44 3.29 -4.02
CA ALA A 211 9.61 2.74 -2.67
C ALA A 211 10.63 1.61 -2.62
N GLU A 212 10.85 0.92 -3.73
CA GLU A 212 11.82 -0.17 -3.75
C GLU A 212 13.21 0.33 -3.36
N ILE A 213 13.81 -0.33 -2.37
CA ILE A 213 15.12 0.07 -1.85
C ILE A 213 15.73 -1.14 -1.15
N THR A 214 17.07 -1.20 -1.15
CA THR A 214 17.75 -2.23 -0.39
C THR A 214 18.70 -1.55 0.59
N LEU A 215 18.58 -1.91 1.86
CA LEU A 215 19.34 -1.25 2.91
C LEU A 215 19.88 -2.36 3.79
N THR A 216 21.21 -2.51 3.87
CA THR A 216 21.82 -3.66 4.53
C THR A 216 23.02 -3.22 5.35
N TRP A 217 23.23 -3.89 6.48
CA TRP A 217 24.40 -3.67 7.32
C TRP A 217 25.36 -4.83 7.13
N GLN A 218 26.64 -4.51 6.97
CA GLN A 218 27.69 -5.52 6.98
C GLN A 218 28.59 -5.29 8.19
N ARG A 219 29.11 -6.38 8.74
CA ARG A 219 30.14 -6.35 9.77
C ARG A 219 31.35 -7.07 9.19
N ASP A 220 32.46 -6.35 9.06
CA ASP A 220 33.68 -6.91 8.47
C ASP A 220 33.38 -7.49 7.08
N GLY A 221 32.52 -6.80 6.33
CA GLY A 221 32.15 -7.20 4.98
C GLY A 221 31.13 -8.32 4.87
N GLU A 222 30.58 -8.81 5.97
CA GLU A 222 29.62 -9.91 5.94
C GLU A 222 28.23 -9.39 6.33
N ASP A 223 27.23 -9.72 5.52
CA ASP A 223 25.87 -9.26 5.78
C ASP A 223 25.36 -9.71 7.15
N GLN A 224 24.66 -8.81 7.83
CA GLN A 224 24.17 -9.07 9.17
C GLN A 224 22.67 -9.29 9.18
N THR A 225 22.17 -10.13 8.28
CA THR A 225 20.73 -10.20 8.04
C THR A 225 19.97 -10.61 9.29
N GLN A 226 20.46 -11.63 10.00
CA GLN A 226 19.80 -12.10 11.21
C GLN A 226 19.82 -11.08 12.34
N ASP A 227 20.76 -10.14 12.34
CA ASP A 227 20.94 -9.21 13.44
C ASP A 227 20.49 -7.78 13.13
N THR A 228 19.88 -7.55 11.97
CA THR A 228 19.47 -6.21 11.57
C THR A 228 17.97 -6.03 11.80
N GLU A 229 17.60 -4.96 12.51
CA GLU A 229 16.22 -4.55 12.59
C GLU A 229 15.90 -3.65 11.41
N LEU A 230 14.94 -4.05 10.59
CA LEU A 230 14.59 -3.32 9.38
C LEU A 230 13.12 -2.94 9.49
N VAL A 231 12.82 -1.64 9.54
CA VAL A 231 11.42 -1.24 9.60
C VAL A 231 10.84 -1.29 8.20
N GLU A 232 9.52 -1.44 8.15
CA GLU A 232 8.87 -1.42 6.85
C GLU A 232 9.01 -0.04 6.22
N THR A 233 9.23 -0.03 4.91
CA THR A 233 9.27 1.23 4.18
C THR A 233 7.95 1.97 4.37
N ARG A 234 8.05 3.26 4.64
CA ARG A 234 6.88 4.04 5.08
C ARG A 234 6.77 5.32 4.27
N PRO A 235 5.55 5.77 3.97
CA PRO A 235 5.38 7.00 3.19
C PRO A 235 5.59 8.26 4.03
N ALA A 236 6.28 9.24 3.44
CA ALA A 236 6.47 10.51 4.12
C ALA A 236 5.23 11.38 4.02
N GLY A 237 4.38 11.16 3.01
CA GLY A 237 3.21 11.99 2.79
C GLY A 237 3.41 13.00 1.68
N ASP A 238 4.61 13.05 1.08
CA ASP A 238 4.92 14.04 0.04
C ASP A 238 5.45 13.38 -1.22
N ARG A 239 5.29 12.04 -1.32
CA ARG A 239 5.25 11.33 -2.61
C ARG A 239 6.28 10.29 -2.20
N THR A 240 7.19 10.72 -1.29
CA THR A 240 8.43 9.99 -1.05
C THR A 240 8.28 9.02 0.11
N PHE A 241 9.35 8.24 0.31
CA PHE A 241 9.37 7.15 1.28
C PHE A 241 10.57 7.29 2.20
N GLN A 242 10.52 6.53 3.30
CA GLN A 242 11.53 6.51 4.34
C GLN A 242 11.76 5.07 4.76
N LYS A 243 12.96 4.79 5.24
CA LYS A 243 13.26 3.47 5.76
C LYS A 243 14.50 3.58 6.61
N TRP A 244 14.61 2.71 7.61
CA TRP A 244 15.88 2.60 8.33
C TRP A 244 16.16 1.16 8.70
N ALA A 245 17.44 0.90 8.93
CA ALA A 245 17.96 -0.42 9.29
C ALA A 245 18.91 -0.23 10.46
N ALA A 246 18.79 -1.06 11.49
CA ALA A 246 19.58 -0.83 12.69
C ALA A 246 20.24 -2.12 13.13
N VAL A 247 21.44 -1.98 13.69
CA VAL A 247 22.19 -3.09 14.27
C VAL A 247 22.70 -2.63 15.63
N VAL A 248 22.77 -3.57 16.56
CA VAL A 248 23.33 -3.31 17.88
C VAL A 248 24.77 -3.76 17.84
N VAL A 249 25.68 -2.87 18.18
CA VAL A 249 27.10 -3.14 17.97
C VAL A 249 27.82 -3.02 19.31
N PRO A 250 28.91 -3.74 19.50
CA PRO A 250 29.72 -3.54 20.71
C PRO A 250 30.39 -2.16 20.69
N SER A 251 30.40 -1.53 21.87
CA SER A 251 31.03 -0.23 22.01
C SER A 251 32.48 -0.30 21.56
N GLY A 252 32.89 0.70 20.78
CA GLY A 252 34.22 0.71 20.23
C GLY A 252 34.41 -0.07 18.94
N GLU A 253 33.41 -0.85 18.50
CA GLU A 253 33.52 -1.58 17.25
C GLU A 253 32.75 -0.94 16.09
N GLU A 254 32.30 0.31 16.25
CA GLU A 254 31.43 0.94 15.25
C GLU A 254 32.05 0.96 13.86
N GLN A 255 33.37 1.15 13.77
CA GLN A 255 33.97 1.30 12.45
C GLN A 255 34.09 -0.01 11.67
N ARG A 256 33.76 -1.15 12.27
CA ARG A 256 33.72 -2.40 11.53
C ARG A 256 32.40 -2.57 10.78
N TYR A 257 31.47 -1.64 10.93
CA TYR A 257 30.14 -1.78 10.33
C TYR A 257 29.99 -0.80 9.18
N THR A 258 29.39 -1.27 8.09
CA THR A 258 29.08 -0.42 6.95
C THR A 258 27.64 -0.63 6.53
N CYS A 259 26.99 0.46 6.14
CA CYS A 259 25.63 0.42 5.63
C CYS A 259 25.69 0.54 4.13
N HIS A 260 24.93 -0.31 3.44
CA HIS A 260 24.95 -0.38 1.99
C HIS A 260 23.55 -0.09 1.47
N VAL A 261 23.45 0.85 0.54
CA VAL A 261 22.16 1.35 0.06
C VAL A 261 22.14 1.17 -1.45
N GLN A 262 21.08 0.55 -1.95
CA GLN A 262 20.81 0.44 -3.38
C GLN A 262 19.46 1.06 -3.68
N HIS A 263 19.40 1.94 -4.66
CA HIS A 263 18.14 2.54 -5.09
C HIS A 263 18.28 2.97 -6.54
N GLU A 264 17.14 2.96 -7.26
CA GLU A 264 17.15 3.26 -8.69
C GLU A 264 17.64 4.68 -8.98
N GLY A 265 17.44 5.60 -8.04
CA GLY A 265 17.85 6.99 -8.20
C GLY A 265 19.32 7.26 -7.97
N LEU A 266 20.06 6.29 -7.51
CA LEU A 266 21.46 6.50 -7.17
C LEU A 266 22.32 6.20 -8.40
N PRO A 267 23.25 7.08 -8.76
CA PRO A 267 24.20 6.75 -9.83
C PRO A 267 25.00 5.48 -9.54
N LYS A 268 25.25 5.19 -8.26
CA LYS A 268 26.04 4.05 -7.84
C LYS A 268 25.63 3.72 -6.41
N PRO A 269 25.63 2.44 -6.03
CA PRO A 269 25.24 2.09 -4.65
C PRO A 269 26.17 2.74 -3.64
N LEU A 270 25.60 3.06 -2.48
CA LEU A 270 26.31 3.81 -1.45
C LEU A 270 26.80 2.88 -0.36
N THR A 271 27.93 3.27 0.23
CA THR A 271 28.44 2.65 1.45
C THR A 271 28.64 3.78 2.46
N LEU A 272 28.07 3.59 3.64
CA LEU A 272 28.09 4.59 4.70
C LEU A 272 28.65 4.00 5.98
N ARG A 273 29.26 4.85 6.79
CA ARG A 273 29.74 4.49 8.12
C ARG A 273 29.25 5.54 9.11
N TRP A 274 29.25 5.17 10.40
CA TRP A 274 29.01 6.11 11.48
C TRP A 274 30.11 7.14 11.43
N GLU A 275 29.78 8.41 11.45
CA GLU A 275 30.90 9.33 11.31
C GLU A 275 30.89 10.23 12.53
N PRO A 276 31.62 9.88 13.60
CA PRO A 276 31.45 10.66 14.82
C PRO A 276 32.04 12.06 14.78
N ILE B 1 -6.98 -14.82 7.99
CA ILE B 1 -8.05 -14.56 8.95
C ILE B 1 -7.89 -13.17 9.58
N GLN B 2 -7.28 -13.03 10.76
CA GLN B 2 -7.07 -11.72 11.36
C GLN B 2 -5.60 -11.46 11.63
N ARG B 3 -5.14 -10.26 11.23
CA ARG B 3 -3.77 -9.83 11.43
C ARG B 3 -3.77 -8.48 12.13
N THR B 4 -2.91 -8.35 13.13
CA THR B 4 -2.93 -7.15 13.95
C THR B 4 -2.04 -6.08 13.31
N PRO B 5 -2.37 -4.80 13.46
CA PRO B 5 -1.59 -3.77 12.74
C PRO B 5 -0.20 -3.57 13.31
N LYS B 6 0.76 -3.39 12.39
CA LYS B 6 2.03 -2.74 12.68
C LYS B 6 1.82 -1.22 12.70
N ILE B 7 2.58 -0.53 13.56
CA ILE B 7 2.34 0.89 13.78
C ILE B 7 3.67 1.62 13.80
N GLN B 8 3.81 2.65 12.96
CA GLN B 8 4.96 3.53 13.02
C GLN B 8 4.52 4.98 13.19
N VAL B 9 5.12 5.70 14.12
CA VAL B 9 4.86 7.11 14.34
C VAL B 9 6.13 7.89 14.08
N TYR B 10 6.05 8.91 13.23
CA TYR B 10 7.25 9.58 12.73
C TYR B 10 6.84 10.88 12.06
N SER B 11 7.83 11.73 11.78
CA SER B 11 7.57 12.99 11.14
C SER B 11 7.97 12.94 9.67
N ARG B 12 7.33 13.78 8.86
CA ARG B 12 7.65 13.82 7.45
C ARG B 12 9.08 14.28 7.21
N HIS B 13 9.48 15.33 7.91
CA HIS B 13 10.80 15.93 7.83
C HIS B 13 11.52 15.75 9.16
N PRO B 14 12.85 15.80 9.16
CA PRO B 14 13.58 15.69 10.44
C PRO B 14 13.10 16.77 11.40
N ALA B 15 12.86 16.35 12.64
CA ALA B 15 12.22 17.25 13.59
C ALA B 15 13.19 18.33 14.04
N GLU B 16 12.74 19.57 13.96
CA GLU B 16 13.43 20.71 14.56
C GLU B 16 12.42 21.43 15.43
N ASN B 17 12.72 21.51 16.74
CA ASN B 17 11.83 22.19 17.68
C ASN B 17 11.46 23.56 17.17
N GLY B 18 10.16 23.87 17.22
CA GLY B 18 9.65 25.17 16.82
C GLY B 18 9.35 25.33 15.35
N LYS B 19 9.61 24.31 14.53
CA LYS B 19 9.43 24.43 13.09
C LYS B 19 8.33 23.48 12.63
N SER B 20 7.37 24.02 11.87
CA SER B 20 6.21 23.26 11.45
C SER B 20 6.61 22.05 10.62
N ASN B 21 5.84 20.98 10.77
CA ASN B 21 6.20 19.68 10.22
C ASN B 21 4.88 18.93 10.07
N PHE B 22 4.97 17.63 9.80
CA PHE B 22 3.82 16.76 9.70
C PHE B 22 4.10 15.54 10.55
N LEU B 23 3.13 15.16 11.37
CA LEU B 23 3.20 13.96 12.19
C LEU B 23 2.42 12.86 11.50
N ASN B 24 3.08 11.71 11.28
CA ASN B 24 2.50 10.59 10.56
C ASN B 24 2.28 9.42 11.51
N CYS B 25 1.17 8.72 11.32
CA CYS B 25 0.96 7.42 11.94
C CYS B 25 0.63 6.48 10.81
N TYR B 26 1.56 5.56 10.52
CA TYR B 26 1.42 4.60 9.44
C TYR B 26 0.99 3.26 10.05
N VAL B 27 -0.20 2.78 9.70
CA VAL B 27 -0.68 1.49 10.18
C VAL B 27 -0.71 0.54 8.99
N SER B 28 -0.14 -0.64 9.16
CA SER B 28 0.00 -1.53 8.03
C SER B 28 -0.08 -2.98 8.50
N GLY B 29 -0.19 -3.88 7.54
CA GLY B 29 -0.16 -5.29 7.88
C GLY B 29 -1.39 -5.85 8.54
N PHE B 30 -2.53 -5.15 8.50
CA PHE B 30 -3.69 -5.58 9.27
C PHE B 30 -4.80 -6.12 8.38
N HIS B 31 -5.69 -6.91 9.00
CA HIS B 31 -6.82 -7.52 8.31
C HIS B 31 -7.78 -8.02 9.39
N PRO B 32 -9.09 -7.69 9.31
CA PRO B 32 -9.75 -6.94 8.25
C PRO B 32 -9.50 -5.43 8.32
N SER B 33 -10.18 -4.66 7.47
CA SER B 33 -9.75 -3.30 7.16
C SER B 33 -10.26 -2.28 8.16
N ASP B 34 -11.32 -2.56 8.90
CA ASP B 34 -11.80 -1.57 9.86
C ASP B 34 -10.74 -1.32 10.93
N ILE B 35 -10.40 -0.04 11.12
CA ILE B 35 -9.38 0.33 12.10
C ILE B 35 -9.73 1.73 12.61
N GLU B 36 -9.37 1.98 13.87
CA GLU B 36 -9.57 3.28 14.48
C GLU B 36 -8.21 3.84 14.87
N VAL B 37 -7.92 5.06 14.42
CA VAL B 37 -6.62 5.67 14.66
C VAL B 37 -6.84 7.09 15.15
N ASP B 38 -6.23 7.43 16.28
CA ASP B 38 -6.20 8.79 16.81
C ASP B 38 -4.76 9.24 16.96
N LEU B 39 -4.49 10.47 16.53
CA LEU B 39 -3.24 11.15 16.86
C LEU B 39 -3.45 11.97 18.13
N LEU B 40 -2.48 11.92 19.03
CA LEU B 40 -2.61 12.55 20.34
C LEU B 40 -1.52 13.57 20.57
N LYS B 41 -1.88 14.67 21.23
CA LYS B 41 -0.92 15.67 21.67
C LYS B 41 -1.10 15.81 23.17
N ASN B 42 -0.05 15.49 23.93
CA ASN B 42 -0.09 15.44 25.40
C ASN B 42 -1.32 14.66 25.89
N GLY B 43 -1.63 13.57 25.20
CA GLY B 43 -2.72 12.68 25.59
C GLY B 43 -4.10 13.05 25.10
N GLU B 44 -4.26 14.15 24.37
CA GLU B 44 -5.56 14.60 23.89
C GLU B 44 -5.66 14.42 22.39
N ARG B 45 -6.83 13.98 21.93
CA ARG B 45 -7.07 13.75 20.51
C ARG B 45 -6.88 15.02 19.70
N ILE B 46 -6.03 14.95 18.66
CA ILE B 46 -5.93 16.04 17.69
C ILE B 46 -7.13 15.97 16.76
N GLU B 47 -7.76 17.11 16.51
CA GLU B 47 -9.04 17.09 15.81
C GLU B 47 -8.89 17.05 14.30
N LYS B 48 -7.90 17.72 13.73
CA LYS B 48 -7.78 17.85 12.28
C LYS B 48 -6.76 16.83 11.81
N VAL B 49 -7.21 15.60 11.57
CA VAL B 49 -6.32 14.54 11.11
C VAL B 49 -6.89 13.98 9.81
N GLU B 50 -6.05 13.88 8.79
CA GLU B 50 -6.41 13.37 7.48
C GLU B 50 -5.84 11.97 7.32
N HIS B 51 -6.35 11.22 6.35
CA HIS B 51 -5.81 9.89 6.13
C HIS B 51 -5.90 9.52 4.65
N SER B 52 -5.09 8.56 4.26
CA SER B 52 -5.03 8.12 2.88
C SER B 52 -6.22 7.24 2.55
N ASP B 53 -6.39 6.97 1.25
CA ASP B 53 -7.41 6.03 0.79
C ASP B 53 -6.94 4.60 1.06
N LEU B 54 -7.89 3.75 1.46
CA LEU B 54 -7.56 2.37 1.81
C LEU B 54 -6.93 1.63 0.63
N SER B 55 -5.79 1.00 0.87
CA SER B 55 -5.17 0.13 -0.13
C SER B 55 -4.54 -1.04 0.59
N PHE B 56 -3.91 -1.94 -0.16
CA PHE B 56 -3.37 -3.14 0.46
C PHE B 56 -2.12 -3.60 -0.25
N SER B 57 -1.38 -4.42 0.47
CA SER B 57 -0.08 -4.92 0.03
C SER B 57 -0.22 -6.23 -0.74
N LYS B 58 0.91 -6.73 -1.24
CA LYS B 58 0.84 -7.95 -2.04
C LYS B 58 0.39 -9.15 -1.22
N ASP B 59 0.56 -9.15 0.11
CA ASP B 59 0.00 -10.21 0.96
C ASP B 59 -1.43 -9.92 1.41
N TRP B 60 -2.10 -8.95 0.80
CA TRP B 60 -3.52 -8.62 0.97
C TRP B 60 -3.77 -7.82 2.25
N SER B 61 -2.78 -7.60 3.10
CA SER B 61 -3.02 -6.83 4.31
C SER B 61 -3.10 -5.34 3.99
N PHE B 62 -3.87 -4.62 4.80
CA PHE B 62 -4.21 -3.24 4.51
C PHE B 62 -3.20 -2.28 5.10
N TYR B 63 -3.13 -1.07 4.53
CA TYR B 63 -2.31 -0.02 5.11
C TYR B 63 -2.99 1.32 4.94
N LEU B 64 -2.73 2.21 5.90
CA LEU B 64 -3.28 3.57 5.92
C LEU B 64 -2.26 4.50 6.54
N LEU B 65 -2.18 5.70 6.01
CA LEU B 65 -1.42 6.79 6.63
C LEU B 65 -2.38 7.81 7.22
N TYR B 66 -2.25 8.09 8.52
CA TYR B 66 -2.92 9.21 9.19
C TYR B 66 -1.89 10.31 9.43
N TYR B 67 -2.27 11.56 9.18
CA TYR B 67 -1.27 12.62 9.30
C TYR B 67 -1.92 13.93 9.72
N THR B 68 -1.11 14.77 10.35
CA THR B 68 -1.55 16.09 10.75
C THR B 68 -0.34 17.02 10.86
N GLU B 69 -0.62 18.31 10.81
CA GLU B 69 0.41 19.34 10.78
C GLU B 69 0.82 19.51 12.24
N PHE B 70 2.09 19.76 12.55
CA PHE B 70 2.25 19.92 13.98
C PHE B 70 3.55 20.70 14.09
N THR B 71 3.81 21.27 15.26
CA THR B 71 5.10 21.93 15.50
C THR B 71 5.76 21.31 16.72
N PRO B 72 6.80 20.50 16.54
CA PRO B 72 7.44 19.84 17.69
C PRO B 72 8.15 20.83 18.61
N THR B 73 8.30 20.39 19.88
CA THR B 73 9.00 21.07 20.97
C THR B 73 9.78 20.01 21.78
N GLU B 74 10.68 20.44 22.70
CA GLU B 74 11.19 19.57 23.78
C GLU B 74 10.19 19.04 24.80
N LYS B 75 9.06 19.69 25.07
CA LYS B 75 8.23 19.16 26.14
C LYS B 75 7.05 18.36 25.63
N ASP B 76 6.55 18.69 24.42
CA ASP B 76 5.25 18.18 24.00
C ASP B 76 5.41 16.74 23.58
N GLU B 77 4.48 15.91 24.03
CA GLU B 77 4.51 14.49 23.76
C GLU B 77 3.46 14.19 22.69
N TYR B 78 3.85 13.46 21.65
CA TYR B 78 2.93 13.07 20.61
C TYR B 78 2.84 11.56 20.56
N ALA B 79 1.67 11.06 20.15
CA ALA B 79 1.45 9.62 20.12
C ALA B 79 0.39 9.28 19.09
N CYS B 80 0.37 8.01 18.69
CA CYS B 80 -0.68 7.44 17.87
C CYS B 80 -1.41 6.38 18.71
N ARG B 81 -2.74 6.40 18.68
CA ARG B 81 -3.56 5.42 19.40
C ARG B 81 -4.41 4.63 18.41
N VAL B 82 -4.28 3.31 18.45
CA VAL B 82 -4.83 2.43 17.42
C VAL B 82 -5.72 1.38 18.08
N ASN B 83 -6.92 1.21 17.55
CA ASN B 83 -7.75 0.06 17.89
C ASN B 83 -8.12 -0.72 16.63
N HIS B 84 -8.30 -2.02 16.81
CA HIS B 84 -8.55 -3.01 15.77
C HIS B 84 -9.20 -4.20 16.44
N VAL B 85 -9.92 -5.02 15.65
CA VAL B 85 -10.59 -6.19 16.22
C VAL B 85 -9.60 -7.11 16.94
N THR B 86 -8.35 -7.19 16.45
CA THR B 86 -7.31 -8.02 17.07
C THR B 86 -6.81 -7.51 18.41
N LEU B 87 -7.12 -6.28 18.80
CA LEU B 87 -6.56 -5.70 20.02
C LEU B 87 -7.63 -5.62 21.09
N SER B 88 -7.33 -6.17 22.26
CA SER B 88 -8.29 -6.10 23.36
C SER B 88 -8.38 -4.69 23.94
N GLN B 89 -7.27 -3.95 23.93
CA GLN B 89 -7.15 -2.56 24.35
C GLN B 89 -6.58 -1.74 23.18
N PRO B 90 -6.91 -0.47 23.07
CA PRO B 90 -6.19 0.40 22.14
C PRO B 90 -4.70 0.42 22.44
N LYS B 91 -3.89 0.35 21.40
CA LYS B 91 -2.45 0.40 21.52
C LYS B 91 -2.00 1.83 21.28
N ILE B 92 -1.16 2.37 22.18
CA ILE B 92 -0.61 3.70 21.98
C ILE B 92 0.89 3.55 21.73
N VAL B 93 1.39 4.24 20.72
CA VAL B 93 2.81 4.27 20.35
C VAL B 93 3.25 5.72 20.39
N LYS B 94 4.28 6.01 21.18
CA LYS B 94 4.72 7.40 21.33
C LYS B 94 5.68 7.79 20.22
N TRP B 95 5.60 9.04 19.78
CA TRP B 95 6.53 9.53 18.79
C TRP B 95 7.92 9.69 19.38
N ASP B 96 8.91 9.03 18.78
CA ASP B 96 10.32 9.18 19.15
C ASP B 96 10.99 9.78 17.92
N ARG B 97 11.50 11.01 18.04
CA ARG B 97 12.03 11.67 16.85
C ARG B 97 13.24 10.96 16.25
N ASP B 98 13.85 10.00 16.95
CA ASP B 98 14.99 9.27 16.43
C ASP B 98 14.60 7.94 15.78
N MET B 99 13.32 7.74 15.47
CA MET B 99 12.87 6.49 14.87
C MET B 99 11.80 6.66 13.78
N ASN C 1 -7.10 3.31 -16.74
CA ASN C 1 -8.41 2.99 -17.32
C ASN C 1 -8.87 1.62 -16.77
N GLN C 2 -10.00 1.56 -16.10
CA GLN C 2 -10.37 0.30 -15.46
C GLN C 2 -10.95 -0.69 -16.45
N LYS C 3 -10.97 -1.94 -16.01
CA LYS C 3 -11.73 -2.98 -16.66
C LYS C 3 -13.18 -2.92 -16.18
N LEU C 4 -14.12 -3.14 -17.08
CA LEU C 4 -15.50 -3.36 -16.63
C LEU C 4 -15.67 -4.80 -16.18
N ILE C 5 -15.95 -4.99 -14.89
CA ILE C 5 -16.07 -6.31 -14.30
C ILE C 5 -17.55 -6.62 -14.12
N ALA C 6 -18.05 -7.52 -14.97
CA ALA C 6 -19.47 -7.86 -14.96
C ALA C 6 -19.72 -9.32 -14.64
N ASN C 7 -18.68 -10.15 -14.55
CA ASN C 7 -18.82 -11.53 -14.15
C ASN C 7 -18.64 -11.69 -12.65
N GLN C 8 -19.75 -12.03 -11.99
CA GLN C 8 -19.79 -12.32 -10.56
C GLN C 8 -18.91 -13.51 -10.24
N PHE C 9 -18.47 -13.57 -8.99
CA PHE C 9 -17.76 -14.72 -8.49
C PHE C 9 -18.71 -15.90 -8.33
C ACT D . 11.91 11.17 9.97
O ACT D . 12.38 12.33 9.74
OXT ACT D . 10.87 10.79 10.58
CH3 ACT D . 12.70 10.06 9.44
C1 PEG E . 11.69 6.54 -12.76
O1 PEG E . 11.52 5.53 -13.72
C2 PEG E . 11.37 6.07 -11.35
O2 PEG E . 10.12 5.43 -11.27
C3 PEG E . 10.21 4.05 -11.38
C4 PEG E . 9.04 3.37 -10.67
O4 PEG E . 9.19 1.97 -10.79
#